data_3HK6
#
_entry.id   3HK6
#
_cell.length_a   70.394
_cell.length_b   70.394
_cell.length_c   293.080
_cell.angle_alpha   90.00
_cell.angle_beta   90.00
_cell.angle_gamma   90.00
#
_symmetry.space_group_name_H-M   'P 41 21 2'
#
loop_
_entity.id
_entity.type
_entity.pdbx_description
1 polymer 'Thrombin light chain'
2 polymer 'Thrombin heavy chain'
#
loop_
_entity_poly.entity_id
_entity_poly.type
_entity_poly.pdbx_seq_one_letter_code
_entity_poly.pdbx_strand_id
1 'polypeptide(L)' FHTFFNEKTFGLGEADCGLRPLFEKKSLKDTTEKELLDSYIDGR A,C
2 'polypeptide(L)'
;IVEGWDAEKGIAPWQVMLFRKSPQELLCGASLISDRWVLTAAHCILYPPWDKNFTENDLLVRIGKHSRTRYERNVEKISM
LEKIYVHPRYNWRENLDRDIALLKLKKPVPFSDYIHPVCLPDKQTVTSLLRAGYKGRVTGWGNLRETWTTNINEIQPSVL
QVVNLPIVERPVCKASTRIRITDNMFCAGFKVNDTKRGDACEGDSGGPFVMKSPFNNRWYQMGIVSAGAGCDRKGKYGFY
THVFRLKRWIQKVIDQFG
;
B,D
#
# COMPACT_ATOMS: atom_id res chain seq x y z
N PHE A 1 -7.78 2.17 -41.90
CA PHE A 1 -8.32 2.08 -40.50
C PHE A 1 -9.89 2.13 -40.45
N HIS A 2 -10.49 0.94 -40.48
CA HIS A 2 -11.95 0.78 -40.45
C HIS A 2 -12.52 0.93 -39.03
N THR A 3 -12.90 2.17 -38.66
CA THR A 3 -13.51 2.55 -37.33
C THR A 3 -14.63 1.67 -36.72
N PHE A 4 -14.89 1.87 -35.43
CA PHE A 4 -15.89 1.11 -34.66
C PHE A 4 -17.01 2.05 -34.21
N PHE A 5 -16.87 2.62 -33.00
CA PHE A 5 -17.93 3.39 -32.36
C PHE A 5 -18.54 4.53 -33.17
N ASN A 6 -19.66 5.06 -32.65
CA ASN A 6 -20.39 6.08 -33.38
C ASN A 6 -19.75 7.42 -33.15
N GLU A 7 -19.03 7.91 -34.15
CA GLU A 7 -18.50 9.27 -34.10
C GLU A 7 -19.37 10.20 -33.22
N LYS A 8 -20.68 10.07 -33.35
CA LYS A 8 -21.67 10.93 -32.67
C LYS A 8 -21.71 10.84 -31.13
N THR A 9 -21.42 9.67 -30.57
CA THR A 9 -21.52 9.45 -29.14
C THR A 9 -20.15 9.23 -28.55
N PHE A 10 -19.27 8.65 -29.35
CA PHE A 10 -17.90 8.31 -28.95
C PHE A 10 -17.10 9.58 -28.79
N GLY A 11 -17.29 10.47 -29.75
CA GLY A 11 -16.62 11.72 -29.75
C GLY A 11 -15.65 11.65 -30.87
N LEU A 12 -15.25 12.83 -31.31
CA LEU A 12 -14.27 13.02 -32.36
C LEU A 12 -12.97 12.38 -31.92
N GLY A 13 -12.30 11.65 -32.80
CA GLY A 13 -10.96 11.18 -32.49
C GLY A 13 -10.58 9.85 -33.08
N GLU A 14 -11.56 9.01 -33.38
CA GLU A 14 -11.26 7.63 -33.77
C GLU A 14 -10.45 7.48 -35.05
N ALA A 15 -10.80 8.27 -36.08
CA ALA A 15 -10.27 8.08 -37.49
C ALA A 15 -8.77 8.18 -37.65
N ASP A 16 -8.17 9.04 -36.84
CA ASP A 16 -6.76 9.39 -36.89
C ASP A 16 -6.18 9.00 -35.56
N CYS A 17 -6.80 8.05 -34.90
CA CYS A 17 -6.31 7.71 -33.59
C CYS A 17 -4.90 7.14 -33.67
N GLY A 18 -4.22 7.09 -32.52
CA GLY A 18 -3.00 6.31 -32.38
C GLY A 18 -1.86 6.69 -33.32
N LEU A 19 -1.90 7.90 -33.85
CA LEU A 19 -0.80 8.40 -34.67
C LEU A 19 -0.38 9.78 -34.16
N ARG A 20 0.90 9.89 -33.86
CA ARG A 20 1.37 10.93 -32.99
C ARG A 20 1.77 12.14 -33.77
N PRO A 21 1.08 13.25 -33.48
CA PRO A 21 1.29 14.60 -33.99
C PRO A 21 2.75 14.96 -34.16
N LEU A 22 3.56 14.70 -33.13
CA LEU A 22 4.98 15.03 -33.17
C LEU A 22 5.84 13.89 -33.67
N PHE A 23 5.26 12.72 -33.86
CA PHE A 23 6.09 11.56 -34.17
C PHE A 23 5.75 10.85 -35.44
N GLU A 24 4.66 10.07 -35.44
CA GLU A 24 4.20 9.45 -36.68
C GLU A 24 3.82 10.46 -37.75
N LYS A 25 3.29 11.61 -37.33
CA LYS A 25 2.83 12.61 -38.31
C LYS A 25 3.97 13.24 -39.12
N LYS A 26 5.20 12.77 -38.91
CA LYS A 26 6.39 13.33 -39.60
C LYS A 26 7.41 12.24 -39.94
N SER A 27 7.01 10.97 -39.82
CA SER A 27 7.91 9.81 -40.01
C SER A 27 8.94 9.67 -38.92
N LEU A 28 9.44 10.80 -38.43
CA LEU A 28 10.29 10.88 -37.22
C LEU A 28 9.98 9.84 -36.08
N LYS A 29 11.03 9.21 -35.56
CA LYS A 29 10.84 8.22 -34.49
C LYS A 29 11.29 8.65 -33.05
N ASP A 30 10.92 7.81 -32.07
CA ASP A 30 11.09 8.16 -30.67
C ASP A 30 12.19 7.32 -30.05
N THR A 31 13.01 7.94 -29.22
CA THR A 31 14.22 7.32 -28.67
C THR A 31 14.26 5.79 -28.49
N THR A 32 13.12 5.19 -28.19
CA THR A 32 13.09 3.78 -27.82
C THR A 32 12.16 2.86 -28.68
N GLU A 33 11.53 3.39 -29.74
CA GLU A 33 10.50 2.61 -30.46
C GLU A 33 11.01 1.38 -31.20
N LYS A 34 12.10 1.51 -31.98
CA LYS A 34 12.83 0.34 -32.56
C LYS A 34 12.99 -0.86 -31.60
N GLU A 35 13.00 -0.56 -30.30
CA GLU A 35 13.05 -1.59 -29.26
C GLU A 35 11.79 -2.44 -29.34
N LEU A 36 10.65 -1.76 -29.38
CA LEU A 36 9.35 -2.40 -29.51
C LEU A 36 9.28 -3.19 -30.79
N LEU A 37 9.49 -2.52 -31.93
CA LEU A 37 9.46 -3.19 -33.24
C LEU A 37 10.12 -4.54 -33.10
N ASP A 38 11.42 -4.52 -32.84
CA ASP A 38 12.24 -5.74 -32.74
C ASP A 38 11.83 -6.79 -31.69
N SER A 39 10.73 -6.60 -30.99
CA SER A 39 10.31 -7.63 -30.04
C SER A 39 9.39 -8.65 -30.71
N TYR A 40 9.06 -8.41 -31.98
CA TYR A 40 8.01 -9.14 -32.73
C TYR A 40 8.53 -10.29 -33.63
N ILE A 41 9.06 -11.31 -32.95
CA ILE A 41 9.75 -12.45 -33.57
C ILE A 41 8.81 -13.61 -33.89
N ASP A 42 7.67 -13.68 -33.20
CA ASP A 42 6.73 -14.80 -33.36
C ASP A 42 6.02 -14.77 -34.75
N GLY A 43 4.80 -15.30 -34.79
CA GLY A 43 4.02 -15.41 -36.03
C GLY A 43 4.43 -16.67 -36.75
N ILE B 1 7.11 4.51 -11.99
CA ILE B 1 7.65 3.60 -13.03
C ILE B 1 9.09 3.28 -12.69
N VAL B 2 9.42 1.99 -12.61
CA VAL B 2 10.79 1.62 -12.23
C VAL B 2 11.71 1.32 -13.40
N GLU B 3 12.96 1.73 -13.24
CA GLU B 3 13.90 1.81 -14.34
C GLU B 3 13.24 2.18 -15.66
N GLY B 4 12.35 3.16 -15.56
CA GLY B 4 11.80 3.85 -16.69
C GLY B 4 12.74 5.00 -17.02
N TRP B 5 12.45 5.72 -18.10
CA TRP B 5 13.21 6.91 -18.43
C TRP B 5 12.24 8.08 -18.64
N ASP B 6 12.78 9.28 -18.76
CA ASP B 6 11.96 10.43 -19.13
C ASP B 6 11.45 10.21 -20.52
N ALA B 7 10.23 10.70 -20.73
CA ALA B 7 9.53 10.78 -22.01
C ALA B 7 9.83 12.05 -22.78
N GLU B 8 10.20 11.90 -24.06
CA GLU B 8 10.24 13.02 -25.05
C GLU B 8 8.87 13.65 -25.02
N LYS B 9 8.83 14.98 -24.91
CA LYS B 9 7.59 15.72 -25.00
C LYS B 9 6.83 15.18 -26.21
N GLY B 10 5.53 14.91 -25.99
CA GLY B 10 4.65 14.31 -26.95
C GLY B 10 4.62 12.79 -27.02
N ILE B 11 5.66 12.10 -26.63
CA ILE B 11 5.77 10.66 -26.89
C ILE B 11 4.55 9.79 -26.61
N ALA B 12 3.65 10.22 -25.74
CA ALA B 12 2.40 9.54 -25.62
C ALA B 12 1.33 10.55 -25.24
N PRO B 13 0.69 11.20 -26.26
CA PRO B 13 -0.26 12.28 -26.06
C PRO B 13 -1.47 11.78 -25.37
N TRP B 14 -1.86 10.54 -25.64
CA TRP B 14 -2.98 9.91 -24.91
C TRP B 14 -2.90 9.96 -23.34
N GLN B 15 -1.69 10.16 -22.81
CA GLN B 15 -1.53 10.05 -21.37
C GLN B 15 -2.31 11.10 -20.57
N VAL B 16 -3.11 10.61 -19.61
CA VAL B 16 -3.88 11.49 -18.75
C VAL B 16 -3.56 11.34 -17.26
N MET B 17 -3.39 12.46 -16.58
CA MET B 17 -3.29 12.46 -15.14
C MET B 17 -4.66 12.55 -14.52
N LEU B 18 -4.89 11.70 -13.54
CA LEU B 18 -6.15 11.66 -12.84
C LEU B 18 -5.94 12.31 -11.50
N PHE B 19 -6.48 13.51 -11.31
CA PHE B 19 -6.15 14.33 -10.15
C PHE B 19 -7.22 14.30 -9.08
N ARG B 20 -6.79 14.35 -7.83
CA ARG B 20 -7.75 14.55 -6.76
C ARG B 20 -7.90 16.04 -6.61
N LYS B 21 -9.13 16.53 -6.41
CA LYS B 21 -9.37 17.96 -6.16
C LYS B 21 -8.90 18.48 -4.78
N SER B 22 -9.47 17.89 -3.71
CA SER B 22 -9.26 18.33 -2.34
C SER B 22 -8.97 17.13 -1.44
N PRO B 23 -7.70 17.00 -0.98
CA PRO B 23 -6.55 17.78 -1.45
C PRO B 23 -6.14 17.48 -2.91
N GLN B 24 -4.95 17.90 -3.26
CA GLN B 24 -4.50 17.74 -4.60
C GLN B 24 -3.32 16.81 -4.61
N GLU B 25 -3.56 15.60 -5.07
CA GLU B 25 -2.47 14.65 -5.16
C GLU B 25 -2.68 13.91 -6.45
N LEU B 26 -1.61 13.42 -7.07
CA LEU B 26 -1.76 12.58 -8.25
C LEU B 26 -2.51 11.37 -7.78
N LEU B 27 -3.37 10.82 -8.61
CA LEU B 27 -4.15 9.68 -8.21
C LEU B 27 -3.90 8.44 -9.08
N CYS B 28 -3.69 8.66 -10.36
CA CYS B 28 -3.56 7.53 -11.27
C CYS B 28 -3.35 7.99 -12.69
N GLY B 29 -2.78 7.08 -13.49
CA GLY B 29 -2.81 7.20 -14.95
C GLY B 29 -4.20 7.00 -15.55
N ALA B 30 -4.34 7.36 -16.82
CA ALA B 30 -5.60 7.26 -17.53
C ALA B 30 -5.44 7.61 -19.01
N SER B 31 -5.79 6.65 -19.86
CA SER B 31 -5.65 6.83 -21.29
C SER B 31 -6.81 7.63 -21.80
N LEU B 32 -6.60 8.31 -22.93
CA LEU B 32 -7.67 9.04 -23.68
C LEU B 32 -7.97 8.40 -25.03
N ILE B 33 -9.22 7.94 -25.23
CA ILE B 33 -9.64 7.28 -26.48
C ILE B 33 -10.34 8.15 -27.55
N SER B 34 -10.81 9.35 -27.15
CA SER B 34 -11.58 10.27 -27.99
C SER B 34 -11.85 11.53 -27.19
N ASP B 35 -12.11 12.63 -27.89
CA ASP B 35 -12.19 13.92 -27.26
C ASP B 35 -13.29 13.95 -26.23
N ARG B 36 -13.63 12.84 -25.61
CA ARG B 36 -14.64 12.90 -24.59
C ARG B 36 -14.67 11.71 -23.64
N TRP B 37 -14.14 10.57 -24.10
CA TRP B 37 -14.12 9.35 -23.28
C TRP B 37 -12.71 9.02 -22.91
N VAL B 38 -12.52 8.61 -21.65
CA VAL B 38 -11.19 8.34 -21.11
C VAL B 38 -11.22 7.10 -20.25
N LEU B 39 -10.05 6.49 -20.14
CA LEU B 39 -9.97 5.16 -19.60
C LEU B 39 -9.07 5.03 -18.41
N THR B 40 -9.53 4.31 -17.40
CA THR B 40 -8.77 4.17 -16.17
C THR B 40 -9.06 2.88 -15.38
N ALA B 41 -8.18 2.56 -14.45
CA ALA B 41 -8.44 1.49 -13.49
C ALA B 41 -9.69 1.85 -12.72
N ALA B 42 -10.56 0.87 -12.59
CA ALA B 42 -11.73 1.01 -11.76
C ALA B 42 -11.28 1.19 -10.34
N HIS B 43 -10.19 0.52 -9.97
CA HIS B 43 -9.71 0.57 -8.60
C HIS B 43 -9.15 1.94 -8.28
N CYS B 44 -8.55 2.59 -9.27
CA CYS B 44 -8.23 4.01 -9.14
C CYS B 44 -9.44 4.87 -8.64
N ILE B 45 -10.66 4.39 -8.84
CA ILE B 45 -11.87 5.11 -8.42
C ILE B 45 -12.61 4.57 -7.17
N LEU B 46 -12.83 3.27 -7.12
CA LEU B 46 -13.61 2.75 -6.04
C LEU B 46 -12.97 1.57 -5.35
N TYR B 47 -12.01 1.89 -4.48
CA TYR B 47 -11.49 0.92 -3.55
C TYR B 47 -11.69 1.44 -2.15
N PRO B 48 -12.70 0.91 -1.46
CA PRO B 48 -13.01 1.24 -0.09
C PRO B 48 -11.88 1.07 0.95
N PRO B 49 -11.17 -0.08 0.99
CA PRO B 49 -10.32 -0.22 2.18
C PRO B 49 -9.04 0.64 2.12
N TRP B 50 -8.88 1.38 1.02
CA TRP B 50 -7.84 2.39 0.93
C TRP B 50 -8.54 3.75 0.83
N ASP B 51 -9.83 3.73 1.13
CA ASP B 51 -10.70 4.91 1.24
C ASP B 51 -11.01 5.56 -0.11
N LYS B 52 -11.61 4.79 -1.01
CA LYS B 52 -11.86 5.31 -2.35
C LYS B 52 -13.28 5.03 -2.83
N ASN B 53 -14.07 6.08 -2.95
CA ASN B 53 -15.47 5.99 -3.33
C ASN B 53 -15.60 7.29 -4.09
N PHE B 54 -14.57 7.58 -4.89
CA PHE B 54 -14.50 8.85 -5.61
C PHE B 54 -15.73 9.05 -6.46
N THR B 55 -16.11 10.31 -6.68
CA THR B 55 -17.22 10.59 -7.61
C THR B 55 -16.90 11.71 -8.61
N GLU B 56 -17.74 11.86 -9.63
CA GLU B 56 -17.45 12.85 -10.67
C GLU B 56 -17.01 14.22 -10.09
N ASN B 57 -17.60 14.63 -8.97
CA ASN B 57 -17.25 15.93 -8.42
C ASN B 57 -15.88 16.09 -7.73
N ASP B 58 -15.26 14.96 -7.41
CA ASP B 58 -14.06 14.96 -6.58
C ASP B 58 -12.80 15.07 -7.43
N LEU B 59 -12.94 14.86 -8.75
CA LEU B 59 -11.77 14.65 -9.62
C LEU B 59 -11.68 15.50 -10.87
N LEU B 60 -10.45 15.73 -11.25
CA LEU B 60 -10.13 16.31 -12.52
C LEU B 60 -9.26 15.34 -13.27
N VAL B 61 -8.96 15.71 -14.51
CA VAL B 61 -8.14 14.90 -15.36
C VAL B 61 -7.31 15.83 -16.16
N ARG B 62 -6.09 15.42 -16.41
CA ARG B 62 -5.16 16.34 -16.90
C ARG B 62 -4.53 15.79 -18.13
N ILE B 63 -4.74 16.54 -19.19
CA ILE B 63 -4.54 16.02 -20.49
C ILE B 63 -3.28 16.66 -21.04
N GLY B 64 -2.44 15.84 -21.68
CA GLY B 64 -1.23 16.30 -22.34
C GLY B 64 -0.31 17.07 -21.42
N LYS B 65 0.03 16.47 -20.25
CA LYS B 65 1.03 16.99 -19.29
C LYS B 65 2.38 16.30 -19.43
N HIS B 66 3.43 16.96 -19.01
CA HIS B 66 4.78 16.39 -19.04
C HIS B 66 5.29 16.48 -17.60
N SER B 67 5.76 17.67 -17.19
CA SER B 67 6.10 17.96 -15.81
C SER B 67 5.00 17.57 -14.82
N ARG B 68 5.23 16.50 -14.04
CA ARG B 68 4.27 16.05 -13.03
C ARG B 68 3.53 17.17 -12.21
N THR B 69 4.10 18.36 -12.04
CA THR B 69 3.33 19.42 -11.34
C THR B 69 3.38 20.89 -11.84
N ARG B 70 4.48 21.36 -12.45
CA ARG B 70 4.52 22.64 -13.20
C ARG B 70 3.19 22.71 -13.96
N TYR B 71 2.25 23.55 -13.51
CA TYR B 71 1.00 23.63 -14.26
C TYR B 71 1.33 24.15 -15.65
N GLU B 72 1.57 23.25 -16.57
CA GLU B 72 2.09 23.67 -17.87
C GLU B 72 1.03 24.50 -18.62
N ARG B 73 1.22 25.81 -18.70
CA ARG B 73 0.25 26.67 -19.36
C ARG B 73 0.39 26.49 -20.86
N ASN B 74 -0.75 26.71 -21.54
CA ASN B 74 -0.84 26.69 -23.01
C ASN B 74 -0.44 25.33 -23.59
N VAL B 75 -0.70 24.27 -22.84
CA VAL B 75 -0.27 22.94 -23.24
C VAL B 75 -1.25 21.96 -22.67
N GLU B 76 -1.25 21.82 -21.34
CA GLU B 76 -2.19 20.94 -20.68
C GLU B 76 -3.58 21.55 -20.60
N LYS B 77 -4.62 20.75 -20.83
CA LYS B 77 -5.98 21.26 -20.66
C LYS B 77 -6.61 20.45 -19.56
N ILE B 78 -7.45 21.12 -18.76
CA ILE B 78 -7.97 20.50 -17.54
C ILE B 78 -9.45 20.08 -17.74
N SER B 79 -9.73 18.80 -18.00
CA SER B 79 -11.14 18.53 -18.22
C SER B 79 -11.85 18.20 -16.96
N MET B 80 -13.11 18.59 -16.88
CA MET B 80 -13.97 18.17 -15.78
C MET B 80 -14.76 16.90 -16.10
N LEU B 81 -15.06 16.09 -15.10
CA LEU B 81 -15.68 14.78 -15.34
C LEU B 81 -17.15 14.93 -15.28
N GLU B 82 -17.89 14.47 -16.32
CA GLU B 82 -19.37 14.50 -16.31
C GLU B 82 -19.96 13.26 -15.68
N LYS B 83 -19.30 12.12 -15.91
CA LYS B 83 -19.68 10.91 -15.24
C LYS B 83 -18.64 9.81 -15.36
N ILE B 84 -18.61 8.94 -14.35
CA ILE B 84 -17.70 7.80 -14.24
C ILE B 84 -18.50 6.51 -14.35
N TYR B 85 -18.18 5.71 -15.35
CA TYR B 85 -18.81 4.40 -15.49
C TYR B 85 -17.83 3.27 -15.13
N VAL B 86 -18.20 2.46 -14.15
CA VAL B 86 -17.32 1.43 -13.59
C VAL B 86 -17.84 0.05 -13.96
N HIS B 87 -17.03 -0.79 -14.59
CA HIS B 87 -17.56 -2.11 -14.98
C HIS B 87 -18.29 -2.67 -13.79
N PRO B 88 -19.52 -3.13 -14.02
CA PRO B 88 -20.33 -3.34 -12.85
C PRO B 88 -20.13 -4.75 -12.33
N ARG B 89 -19.40 -5.56 -13.06
CA ARG B 89 -19.11 -6.87 -12.56
C ARG B 89 -17.82 -6.78 -11.75
N TYR B 90 -17.16 -5.63 -11.84
CA TYR B 90 -16.00 -5.33 -10.99
C TYR B 90 -16.48 -5.23 -9.57
N ASN B 91 -15.95 -6.13 -8.75
CA ASN B 91 -16.30 -6.20 -7.36
C ASN B 91 -15.01 -6.20 -6.58
N TRP B 92 -14.82 -5.13 -5.82
CA TRP B 92 -13.53 -4.83 -5.19
C TRP B 92 -13.29 -5.76 -4.03
N ARG B 93 -14.31 -6.56 -3.72
CA ARG B 93 -14.24 -7.55 -2.65
C ARG B 93 -13.42 -8.78 -3.02
N GLU B 94 -13.62 -9.29 -4.23
CA GLU B 94 -12.85 -10.46 -4.68
C GLU B 94 -11.44 -10.07 -5.12
N ASN B 95 -11.28 -9.61 -6.35
CA ASN B 95 -9.97 -9.45 -6.96
C ASN B 95 -9.94 -8.35 -7.99
N LEU B 96 -8.88 -8.33 -8.75
CA LEU B 96 -8.67 -7.25 -9.70
C LEU B 96 -9.34 -7.46 -11.06
N ASP B 97 -10.14 -8.51 -11.16
CA ASP B 97 -10.86 -8.85 -12.38
C ASP B 97 -11.72 -7.68 -12.84
N ARG B 98 -11.65 -7.39 -14.14
CA ARG B 98 -12.43 -6.28 -14.73
C ARG B 98 -12.13 -4.91 -14.12
N ASP B 99 -10.86 -4.71 -13.78
CA ASP B 99 -10.43 -3.43 -13.22
C ASP B 99 -10.39 -2.43 -14.34
N ILE B 100 -11.56 -1.89 -14.64
CA ILE B 100 -11.73 -1.01 -15.79
C ILE B 100 -12.70 0.13 -15.51
N ALA B 101 -12.43 1.30 -16.08
CA ALA B 101 -13.26 2.46 -15.80
C ALA B 101 -13.31 3.38 -16.97
N LEU B 102 -14.52 3.82 -17.32
CA LEU B 102 -14.67 4.77 -18.38
C LEU B 102 -15.12 6.09 -17.77
N LEU B 103 -14.51 7.18 -18.21
CA LEU B 103 -14.85 8.49 -17.66
C LEU B 103 -15.21 9.37 -18.83
N LYS B 104 -16.37 10.01 -18.75
CA LYS B 104 -16.86 10.92 -19.81
C LYS B 104 -16.56 12.32 -19.37
N LEU B 105 -15.83 13.06 -20.19
CA LEU B 105 -15.65 14.47 -19.91
C LEU B 105 -16.95 15.26 -20.18
N LYS B 106 -17.12 16.37 -19.49
CA LYS B 106 -18.13 17.35 -19.87
C LYS B 106 -17.80 18.02 -21.21
N LYS B 107 -16.53 18.24 -21.49
CA LYS B 107 -16.19 19.12 -22.60
C LYS B 107 -15.17 18.50 -23.49
N PRO B 108 -15.49 18.36 -24.79
CA PRO B 108 -14.59 17.72 -25.73
C PRO B 108 -13.19 18.35 -25.71
N VAL B 109 -12.17 17.60 -25.30
CA VAL B 109 -10.81 18.13 -25.23
C VAL B 109 -10.29 18.46 -26.63
N PRO B 110 -9.75 19.68 -26.81
CA PRO B 110 -9.13 20.07 -28.11
C PRO B 110 -7.90 19.27 -28.40
N PHE B 111 -7.66 18.78 -29.60
CA PHE B 111 -6.39 18.11 -29.78
C PHE B 111 -5.30 19.10 -30.18
N SER B 112 -4.08 18.80 -29.73
CA SER B 112 -2.89 19.62 -30.04
C SER B 112 -1.73 18.67 -30.28
N ASP B 113 -0.53 19.22 -30.37
CA ASP B 113 0.65 18.38 -30.47
C ASP B 113 0.82 17.41 -29.27
N TYR B 114 -0.03 17.58 -28.26
CA TYR B 114 0.19 16.96 -26.96
C TYR B 114 -1.04 16.29 -26.44
N ILE B 115 -2.17 16.64 -27.03
CA ILE B 115 -3.37 15.88 -26.75
C ILE B 115 -3.83 15.19 -28.01
N HIS B 116 -3.93 13.87 -27.94
CA HIS B 116 -4.37 13.14 -29.11
C HIS B 116 -4.63 11.63 -28.88
N PRO B 117 -5.84 11.15 -29.20
CA PRO B 117 -6.32 9.86 -28.69
C PRO B 117 -5.48 8.66 -29.03
N VAL B 118 -5.71 7.57 -28.29
CA VAL B 118 -5.11 6.27 -28.58
C VAL B 118 -6.13 5.37 -29.34
N CYS B 119 -5.65 4.55 -30.28
CA CYS B 119 -6.49 3.59 -30.99
C CYS B 119 -6.84 2.42 -30.05
N LEU B 120 -7.80 1.55 -30.39
CA LEU B 120 -8.05 0.35 -29.55
C LEU B 120 -8.06 -0.95 -30.33
N PRO B 121 -7.78 -2.05 -29.62
CA PRO B 121 -7.54 -3.28 -30.38
C PRO B 121 -8.82 -3.83 -31.02
N ASP B 122 -8.64 -4.40 -32.20
CA ASP B 122 -9.61 -5.26 -32.85
C ASP B 122 -9.03 -6.67 -32.73
N LYS B 123 -9.90 -7.67 -32.67
CA LYS B 123 -9.46 -9.06 -32.47
C LYS B 123 -8.24 -9.36 -33.36
N GLN B 124 -8.26 -8.78 -34.54
CA GLN B 124 -7.17 -8.88 -35.48
C GLN B 124 -5.86 -8.53 -34.77
N THR B 125 -5.81 -7.32 -34.18
CA THR B 125 -4.58 -6.87 -33.56
C THR B 125 -4.18 -7.69 -32.32
N VAL B 126 -5.06 -7.83 -31.35
CA VAL B 126 -4.80 -8.77 -30.25
C VAL B 126 -3.90 -9.94 -30.62
N THR B 127 -4.26 -10.65 -31.69
CA THR B 127 -3.75 -12.02 -31.89
C THR B 127 -2.36 -12.00 -32.50
N SER B 128 -2.13 -11.00 -33.34
CA SER B 128 -0.79 -10.76 -33.89
C SER B 128 0.18 -10.02 -32.94
N LEU B 129 -0.36 -9.17 -32.05
CA LEU B 129 0.46 -8.27 -31.19
C LEU B 129 0.61 -8.67 -29.75
N LEU B 130 -0.36 -9.39 -29.19
CA LEU B 130 -0.32 -9.77 -27.78
C LEU B 130 0.31 -11.12 -27.58
N ARG B 131 1.63 -11.18 -27.73
CA ARG B 131 2.34 -12.47 -27.72
C ARG B 131 3.33 -12.57 -26.56
N ALA B 132 3.42 -13.75 -25.91
CA ALA B 132 4.50 -14.03 -24.95
C ALA B 132 5.76 -13.41 -25.55
N GLY B 133 6.37 -12.46 -24.85
CA GLY B 133 7.66 -11.92 -25.26
C GLY B 133 7.64 -10.66 -26.10
N TYR B 134 6.51 -10.33 -26.73
CA TYR B 134 6.39 -9.00 -27.38
C TYR B 134 6.42 -7.88 -26.32
N LYS B 135 7.15 -6.81 -26.59
CA LYS B 135 7.24 -5.72 -25.64
C LYS B 135 6.12 -4.67 -25.83
N GLY B 136 5.68 -4.05 -24.75
CA GLY B 136 4.64 -2.99 -24.80
C GLY B 136 4.92 -1.89 -23.79
N ARG B 137 4.65 -0.64 -24.21
CA ARG B 137 5.05 0.58 -23.53
C ARG B 137 4.08 1.09 -22.45
N VAL B 138 4.59 1.30 -21.26
CA VAL B 138 3.80 1.78 -20.15
C VAL B 138 4.35 3.12 -19.70
N THR B 139 3.48 4.11 -19.56
CA THR B 139 3.91 5.47 -19.22
C THR B 139 3.21 6.00 -17.99
N GLY B 140 3.96 6.70 -17.14
CA GLY B 140 3.38 7.17 -15.89
C GLY B 140 4.16 8.06 -14.93
N TRP B 141 3.39 8.68 -14.04
CA TRP B 141 3.89 9.53 -13.00
C TRP B 141 3.84 8.77 -11.67
N GLY B 142 4.03 7.46 -11.71
CA GLY B 142 4.21 6.69 -10.50
C GLY B 142 5.64 6.87 -10.01
N ASN B 143 5.85 6.58 -8.72
CA ASN B 143 7.12 6.73 -8.01
C ASN B 143 8.21 5.87 -8.53
N LEU B 144 9.43 6.35 -8.38
CA LEU B 144 10.58 5.75 -9.01
C LEU B 144 11.27 4.61 -8.26
N ARG B 145 10.96 4.41 -6.98
CA ARG B 145 11.57 3.29 -6.28
C ARG B 145 10.92 2.99 -4.92
N GLU B 146 11.12 1.74 -4.45
CA GLU B 146 10.82 1.23 -3.09
C GLU B 146 10.67 2.36 -2.08
N THR B 147 9.56 2.42 -1.35
CA THR B 147 9.22 3.73 -0.76
C THR B 147 9.83 4.25 0.54
N TRP B 148 10.82 3.62 1.12
CA TRP B 148 11.61 4.39 2.15
C TRP B 148 13.12 4.33 2.04
N THR B 149 13.59 3.99 0.83
CA THR B 149 14.94 4.25 0.38
C THR B 149 14.92 5.74 0.12
N THR B 150 16.07 6.40 0.03
CA THR B 150 16.10 7.87 -0.27
C THR B 150 14.82 8.72 0.10
N ASN B 151 14.49 9.80 -0.60
CA ASN B 151 13.51 10.74 -0.06
C ASN B 151 12.34 11.02 -0.97
N ILE B 152 11.13 10.81 -0.50
CA ILE B 152 9.97 11.25 -1.28
C ILE B 152 10.33 12.65 -1.68
N ASN B 153 10.41 12.94 -2.98
CA ASN B 153 10.90 14.24 -3.52
C ASN B 153 12.05 14.00 -4.46
N GLU B 154 12.86 13.03 -4.11
CA GLU B 154 13.55 12.24 -5.08
C GLU B 154 12.52 11.15 -5.07
N ILE B 155 12.72 10.07 -5.85
CA ILE B 155 11.67 9.03 -6.07
C ILE B 155 10.29 9.46 -6.62
N GLN B 156 10.11 10.70 -7.05
CA GLN B 156 8.81 11.06 -7.56
C GLN B 156 9.10 11.84 -8.77
N PRO B 157 9.26 11.16 -9.91
CA PRO B 157 9.82 11.70 -11.13
C PRO B 157 9.29 13.10 -11.30
N SER B 158 10.02 13.98 -11.98
CA SER B 158 9.52 15.33 -12.15
C SER B 158 8.76 15.56 -13.47
N VAL B 159 9.10 14.80 -14.51
CA VAL B 159 8.29 14.64 -15.73
C VAL B 159 7.81 13.19 -16.00
N LEU B 160 6.87 13.01 -16.95
CA LEU B 160 6.30 11.68 -17.30
C LEU B 160 7.33 10.62 -17.62
N GLN B 161 7.03 9.39 -17.19
CA GLN B 161 7.99 8.32 -17.26
C GLN B 161 7.55 7.19 -18.18
N VAL B 162 8.54 6.61 -18.86
CA VAL B 162 8.34 5.62 -19.93
C VAL B 162 9.04 4.31 -19.65
N VAL B 163 8.36 3.20 -19.89
CA VAL B 163 9.04 1.92 -19.83
C VAL B 163 8.38 0.84 -20.67
N ASN B 164 9.11 0.24 -21.61
CA ASN B 164 8.58 -0.95 -22.34
C ASN B 164 8.77 -2.29 -21.62
N LEU B 165 7.81 -3.21 -21.80
CA LEU B 165 7.87 -4.49 -21.09
C LEU B 165 7.33 -5.67 -21.89
N PRO B 166 8.08 -6.79 -21.88
CA PRO B 166 7.66 -8.04 -22.47
C PRO B 166 6.40 -8.57 -21.85
N ILE B 167 5.56 -9.17 -22.68
CA ILE B 167 4.33 -9.84 -22.24
C ILE B 167 4.71 -11.22 -21.69
N VAL B 168 4.00 -11.69 -20.68
CA VAL B 168 4.47 -12.88 -20.00
C VAL B 168 3.59 -14.10 -20.28
N GLU B 169 4.24 -15.26 -20.42
CA GLU B 169 3.52 -16.50 -20.69
C GLU B 169 2.48 -16.68 -19.64
N ARG B 170 1.27 -16.95 -20.05
CA ARG B 170 0.22 -17.07 -19.08
C ARG B 170 0.46 -18.06 -17.90
N PRO B 171 1.09 -19.25 -18.15
CA PRO B 171 1.49 -20.12 -17.02
C PRO B 171 2.56 -19.47 -16.17
N VAL B 172 3.61 -18.95 -16.81
CA VAL B 172 4.74 -18.32 -16.10
C VAL B 172 4.27 -17.36 -15.00
N CYS B 173 3.35 -16.48 -15.36
CA CYS B 173 2.77 -15.48 -14.48
C CYS B 173 1.90 -16.20 -13.48
N LYS B 174 0.82 -16.83 -13.97
CA LYS B 174 -0.11 -17.58 -13.12
C LYS B 174 0.62 -18.30 -11.98
N ALA B 175 1.69 -19.03 -12.34
CA ALA B 175 2.47 -19.74 -11.37
C ALA B 175 3.06 -18.78 -10.36
N SER B 176 3.47 -17.60 -10.84
CA SER B 176 4.17 -16.58 -10.00
C SER B 176 3.43 -15.89 -8.83
N THR B 177 2.11 -16.10 -8.69
CA THR B 177 1.29 -15.45 -7.64
C THR B 177 0.05 -16.22 -7.23
N ARG B 178 -0.37 -16.03 -5.99
CA ARG B 178 -1.60 -16.64 -5.48
C ARG B 178 -2.87 -15.85 -5.86
N ILE B 179 -2.72 -14.69 -6.53
CA ILE B 179 -3.88 -13.97 -7.13
C ILE B 179 -4.31 -14.63 -8.45
N ARG B 180 -5.61 -14.83 -8.63
CA ARG B 180 -6.03 -15.41 -9.90
C ARG B 180 -5.80 -14.42 -11.10
N ILE B 181 -4.90 -14.81 -12.02
CA ILE B 181 -4.72 -14.06 -13.27
C ILE B 181 -5.80 -14.53 -14.22
N THR B 182 -6.88 -13.74 -14.30
CA THR B 182 -8.06 -14.21 -14.99
C THR B 182 -7.89 -14.15 -16.49
N ASP B 183 -8.78 -14.86 -17.16
CA ASP B 183 -9.17 -14.62 -18.54
C ASP B 183 -8.98 -13.22 -19.08
N ASN B 184 -9.20 -12.24 -18.19
CA ASN B 184 -9.37 -10.82 -18.57
C ASN B 184 -8.22 -9.86 -18.21
N MET B 185 -7.04 -10.45 -18.00
CA MET B 185 -5.83 -9.76 -17.59
C MET B 185 -4.69 -10.33 -18.39
N PHE B 186 -3.59 -9.60 -18.48
CA PHE B 186 -2.35 -10.22 -18.92
C PHE B 186 -1.18 -9.82 -18.01
N CYS B 187 0.01 -10.35 -18.24
CA CYS B 187 1.15 -10.01 -17.40
C CYS B 187 2.29 -9.44 -18.20
N ALA B 188 2.89 -8.37 -17.68
CA ALA B 188 4.08 -7.77 -18.29
C ALA B 188 5.21 -7.71 -17.30
N GLY B 189 6.40 -8.09 -17.72
CA GLY B 189 7.61 -7.89 -16.93
C GLY B 189 8.81 -8.52 -17.59
N PHE B 190 10.01 -8.10 -17.21
CA PHE B 190 11.19 -8.75 -17.76
C PHE B 190 11.44 -10.10 -17.08
N LYS B 191 12.25 -10.96 -17.71
CA LYS B 191 12.55 -12.30 -17.16
C LYS B 191 12.93 -12.23 -15.67
N VAL B 192 12.39 -13.13 -14.85
CA VAL B 192 12.69 -13.13 -13.39
C VAL B 192 14.18 -12.88 -13.17
N ASN B 193 14.97 -13.58 -13.98
CA ASN B 193 16.39 -13.62 -13.78
C ASN B 193 17.08 -12.42 -14.48
N ASP B 194 16.36 -11.32 -14.69
CA ASP B 194 16.88 -10.36 -15.69
C ASP B 194 17.70 -9.14 -15.21
N THR B 195 18.37 -8.56 -16.23
CA THR B 195 19.46 -7.55 -16.13
C THR B 195 19.04 -6.04 -16.22
N LYS B 196 17.83 -5.74 -16.71
CA LYS B 196 17.14 -4.46 -16.40
C LYS B 196 16.25 -4.73 -15.15
N ARG B 197 15.17 -3.98 -14.94
CA ARG B 197 14.19 -4.35 -13.89
C ARG B 197 12.77 -3.82 -14.14
N GLY B 198 12.61 -2.87 -15.06
CA GLY B 198 11.35 -2.14 -15.30
C GLY B 198 10.00 -2.60 -14.76
N ASP B 199 9.20 -1.67 -14.24
CA ASP B 199 7.80 -1.95 -13.83
C ASP B 199 6.93 -0.70 -13.59
N ALA B 200 5.68 -0.91 -13.17
CA ALA B 200 4.77 0.19 -12.81
C ALA B 200 4.50 0.22 -11.31
N CYS B 201 4.28 1.39 -10.73
CA CYS B 201 4.02 1.50 -9.28
C CYS B 201 2.67 2.10 -9.00
N GLU B 202 2.15 1.88 -7.80
CA GLU B 202 0.78 2.27 -7.52
C GLU B 202 0.29 3.48 -8.27
N GLY B 203 1.04 4.57 -8.20
CA GLY B 203 0.68 5.82 -8.86
C GLY B 203 0.46 5.61 -10.33
N ASP B 204 1.24 4.72 -10.93
CA ASP B 204 1.07 4.42 -12.33
C ASP B 204 -0.22 3.69 -12.66
N SER B 205 -0.83 3.04 -11.68
CA SER B 205 -2.10 2.31 -11.90
C SER B 205 -3.12 3.18 -12.57
N GLY B 206 -3.75 2.67 -13.61
CA GLY B 206 -4.74 3.44 -14.35
C GLY B 206 -4.33 3.82 -15.77
N GLY B 207 -3.03 4.00 -16.00
CA GLY B 207 -2.60 4.43 -17.32
C GLY B 207 -2.44 3.28 -18.29
N PRO B 208 -1.93 3.57 -19.50
CA PRO B 208 -1.92 2.69 -20.64
C PRO B 208 -0.67 1.89 -20.93
N PHE B 209 -0.83 0.57 -20.90
CA PHE B 209 0.06 -0.34 -21.62
C PHE B 209 -0.29 -0.32 -23.09
N VAL B 210 0.68 -0.01 -23.93
CA VAL B 210 0.35 0.32 -25.33
C VAL B 210 1.34 -0.31 -26.30
N MET B 211 0.88 -0.77 -27.47
CA MET B 211 1.78 -1.33 -28.47
C MET B 211 1.45 -0.71 -29.78
N LYS B 212 2.49 -0.56 -30.61
CA LYS B 212 2.38 0.06 -31.93
C LYS B 212 2.31 -1.02 -32.99
N SER B 213 1.28 -1.03 -33.82
CA SER B 213 1.17 -2.01 -34.93
C SER B 213 2.11 -1.70 -36.08
N PRO B 214 2.84 -2.73 -36.56
CA PRO B 214 3.76 -2.54 -37.68
C PRO B 214 3.08 -2.61 -39.07
N PHE B 215 1.77 -2.84 -39.11
CA PHE B 215 1.07 -3.09 -40.37
C PHE B 215 0.35 -1.89 -40.82
N ASN B 216 -0.05 -1.10 -39.83
CA ASN B 216 -0.83 0.09 -40.05
C ASN B 216 -0.32 1.26 -39.24
N ASN B 217 0.79 1.06 -38.53
CA ASN B 217 1.51 2.13 -37.81
C ASN B 217 0.85 2.87 -36.66
N ARG B 218 0.02 2.15 -35.92
CA ARG B 218 -0.83 2.86 -35.00
C ARG B 218 -0.65 2.36 -33.54
N TRP B 219 -1.07 3.20 -32.61
CA TRP B 219 -0.79 2.92 -31.22
C TRP B 219 -2.08 2.39 -30.53
N TYR B 220 -1.99 1.16 -30.02
CA TYR B 220 -3.16 0.47 -29.47
C TYR B 220 -3.04 0.12 -27.99
N GLN B 221 -4.00 0.55 -27.22
CA GLN B 221 -3.95 0.33 -25.82
C GLN B 221 -4.46 -1.05 -25.54
N MET B 222 -3.58 -2.03 -25.68
CA MET B 222 -3.94 -3.36 -25.26
C MET B 222 -4.34 -3.47 -23.76
N GLY B 223 -3.67 -2.77 -22.86
CA GLY B 223 -4.02 -2.86 -21.45
C GLY B 223 -4.26 -1.58 -20.64
N ILE B 224 -4.61 -1.80 -19.37
CA ILE B 224 -4.50 -0.82 -18.28
C ILE B 224 -3.53 -1.33 -17.19
N VAL B 225 -2.59 -0.49 -16.75
CA VAL B 225 -1.79 -0.82 -15.58
C VAL B 225 -2.78 -1.18 -14.48
N SER B 226 -2.86 -2.44 -14.10
CA SER B 226 -3.84 -2.80 -13.09
C SER B 226 -3.26 -3.00 -11.72
N ALA B 227 -2.03 -3.50 -11.66
CA ALA B 227 -1.34 -3.67 -10.42
C ALA B 227 0.06 -3.94 -10.74
N GLY B 228 0.89 -2.93 -10.87
CA GLY B 228 2.27 -3.17 -11.17
C GLY B 228 2.97 -3.88 -10.06
N ALA B 229 4.16 -4.37 -10.32
CA ALA B 229 5.00 -5.08 -9.37
C ALA B 229 6.13 -4.17 -8.88
N GLY B 230 6.17 -2.96 -9.40
CA GLY B 230 7.20 -2.02 -9.01
C GLY B 230 7.10 -1.41 -7.62
N CYS B 231 8.09 -1.04 -7.02
CA CYS B 231 8.02 -0.24 -5.77
C CYS B 231 7.74 -1.00 -4.47
N ASP B 232 6.51 -0.98 -3.96
CA ASP B 232 6.22 -1.62 -2.66
C ASP B 232 5.56 -2.97 -2.75
N ARG B 233 4.75 -3.20 -3.78
CA ARG B 233 4.08 -4.50 -3.98
C ARG B 233 5.12 -5.66 -4.08
N LYS B 234 6.32 -5.26 -4.56
CA LYS B 234 7.50 -6.09 -5.01
C LYS B 234 7.28 -7.66 -5.25
N GLY B 235 6.00 -8.06 -5.49
CA GLY B 235 5.66 -9.33 -6.20
C GLY B 235 6.38 -9.47 -7.57
N LYS B 236 5.97 -10.42 -8.39
CA LYS B 236 6.87 -10.82 -9.47
C LYS B 236 6.62 -10.18 -10.85
N TYR B 237 5.36 -10.13 -11.26
CA TYR B 237 5.02 -9.48 -12.53
C TYR B 237 3.76 -8.62 -12.46
N GLY B 238 3.72 -7.62 -13.31
CA GLY B 238 2.61 -6.70 -13.33
C GLY B 238 1.43 -7.26 -14.08
N PHE B 239 0.25 -7.12 -13.52
CA PHE B 239 -0.98 -7.48 -14.17
C PHE B 239 -1.58 -6.31 -14.86
N TYR B 240 -2.03 -6.54 -16.07
CA TYR B 240 -2.75 -5.55 -16.81
C TYR B 240 -4.14 -6.07 -17.15
N THR B 241 -5.11 -5.16 -17.16
CA THR B 241 -6.41 -5.49 -17.67
C THR B 241 -6.33 -5.51 -19.18
N HIS B 242 -6.85 -6.60 -19.75
CA HIS B 242 -7.00 -6.84 -21.20
C HIS B 242 -8.08 -5.89 -21.75
N VAL B 243 -7.68 -4.81 -22.43
CA VAL B 243 -8.63 -3.84 -22.97
C VAL B 243 -9.62 -4.47 -24.00
N PHE B 244 -9.09 -5.16 -25.02
CA PHE B 244 -9.94 -5.80 -25.99
C PHE B 244 -11.01 -6.62 -25.31
N ARG B 245 -10.64 -7.58 -24.45
CA ARG B 245 -11.58 -8.53 -23.89
C ARG B 245 -12.79 -7.83 -23.30
N LEU B 246 -12.66 -6.54 -23.10
CA LEU B 246 -13.73 -5.76 -22.53
C LEU B 246 -14.32 -4.70 -23.48
N LYS B 247 -13.94 -4.77 -24.75
CA LYS B 247 -14.41 -3.80 -25.77
C LYS B 247 -15.93 -3.86 -25.88
N ARG B 248 -16.48 -5.07 -25.84
CA ARG B 248 -17.95 -5.24 -25.84
C ARG B 248 -18.60 -4.36 -24.75
N TRP B 249 -18.11 -4.50 -23.51
CA TRP B 249 -18.58 -3.65 -22.43
C TRP B 249 -18.29 -2.16 -22.69
N ILE B 250 -17.12 -1.84 -23.23
CA ILE B 250 -16.81 -0.42 -23.52
C ILE B 250 -17.87 0.24 -24.39
N GLN B 251 -18.30 -0.47 -25.44
CA GLN B 251 -19.29 0.02 -26.40
C GLN B 251 -20.67 0.08 -25.79
N LYS B 252 -20.98 -0.90 -24.97
CA LYS B 252 -22.27 -0.93 -24.33
C LYS B 252 -22.51 0.44 -23.66
N VAL B 253 -21.43 1.08 -23.17
CA VAL B 253 -21.49 2.26 -22.26
C VAL B 253 -21.53 3.55 -23.03
N ILE B 254 -20.54 3.68 -23.92
CA ILE B 254 -20.47 4.82 -24.81
C ILE B 254 -21.84 4.96 -25.52
N ASP B 255 -22.18 4.04 -26.41
CA ASP B 255 -23.46 4.01 -27.11
C ASP B 255 -24.69 4.36 -26.22
N GLN B 256 -24.73 3.80 -25.02
CA GLN B 256 -25.78 4.07 -24.06
C GLN B 256 -25.76 5.54 -23.59
N PHE B 257 -24.55 6.09 -23.40
CA PHE B 257 -24.36 7.32 -22.64
C PHE B 257 -23.51 8.42 -23.24
N GLY B 258 -22.84 8.11 -24.34
CA GLY B 258 -22.10 9.11 -25.09
C GLY B 258 -22.98 10.27 -25.48
N PHE C 1 10.72 -5.80 40.74
CA PHE C 1 10.33 -4.69 39.84
C PHE C 1 10.23 -3.32 40.52
N HIS C 2 11.03 -2.38 40.03
CA HIS C 2 11.11 -0.99 40.53
C HIS C 2 10.45 0.04 39.58
N THR C 3 9.57 0.89 40.12
CA THR C 3 8.94 1.99 39.34
C THR C 3 9.95 3.04 38.82
N PHE C 4 9.63 3.63 37.66
CA PHE C 4 10.61 4.38 36.84
C PHE C 4 10.04 5.71 36.47
N PHE C 5 8.72 5.77 36.37
CA PHE C 5 7.99 6.97 35.97
C PHE C 5 7.25 7.51 37.16
N ASN C 6 6.62 8.67 36.96
CA ASN C 6 5.92 9.44 38.03
C ASN C 6 4.38 9.37 37.97
N GLU C 7 3.77 8.65 38.90
CA GLU C 7 2.30 8.51 38.94
C GLU C 7 1.65 9.80 38.47
N LYS C 8 1.77 10.85 39.28
CA LYS C 8 1.26 12.18 38.94
C LYS C 8 1.22 12.53 37.45
N THR C 9 2.32 12.36 36.73
CA THR C 9 2.28 12.67 35.31
C THR C 9 1.94 11.41 34.53
N PHE C 10 2.49 10.28 34.94
CA PHE C 10 2.50 9.09 34.10
C PHE C 10 1.17 8.35 34.04
N GLY C 11 0.24 8.71 34.94
CA GLY C 11 -0.94 7.90 35.21
C GLY C 11 -0.67 6.67 36.08
N LEU C 12 -1.76 6.01 36.48
CA LEU C 12 -1.73 4.79 37.30
C LEU C 12 -1.23 3.60 36.53
N GLY C 13 -0.82 2.56 37.24
CA GLY C 13 -0.66 1.23 36.63
C GLY C 13 0.73 0.68 36.43
N GLU C 14 1.73 1.56 36.46
CA GLU C 14 3.15 1.21 36.24
C GLU C 14 3.76 0.06 37.08
N ALA C 15 3.40 -0.04 38.37
CA ALA C 15 3.94 -1.09 39.27
C ALA C 15 3.34 -2.51 39.07
N ASP C 16 2.04 -2.55 38.81
CA ASP C 16 1.41 -3.79 38.39
C ASP C 16 1.69 -4.12 36.91
N CYS C 17 2.52 -3.35 36.22
CA CYS C 17 2.60 -3.52 34.75
C CYS C 17 2.90 -4.94 34.23
N GLY C 18 2.36 -5.28 33.06
CA GLY C 18 2.71 -6.52 32.38
C GLY C 18 2.31 -7.84 33.00
N LEU C 19 1.40 -7.81 33.97
CA LEU C 19 0.94 -9.04 34.60
C LEU C 19 -0.52 -9.32 34.29
N ARG C 20 -0.75 -10.31 33.44
CA ARG C 20 -2.08 -10.55 32.87
C ARG C 20 -3.00 -11.21 33.88
N PRO C 21 -4.05 -10.46 34.31
CA PRO C 21 -4.93 -10.90 35.39
C PRO C 21 -5.53 -12.28 35.11
N LEU C 22 -5.53 -12.69 33.84
CA LEU C 22 -6.14 -13.95 33.42
C LEU C 22 -5.08 -14.98 33.21
N PHE C 23 -3.84 -14.62 33.54
CA PHE C 23 -2.74 -15.50 33.22
C PHE C 23 -1.67 -15.60 34.28
N GLU C 24 -0.94 -14.52 34.53
CA GLU C 24 0.12 -14.58 35.54
C GLU C 24 -0.45 -14.65 36.94
N LYS C 25 -1.59 -13.98 37.14
CA LYS C 25 -2.29 -14.07 38.40
C LYS C 25 -2.92 -15.47 38.56
N LYS C 26 -3.74 -15.89 37.61
CA LYS C 26 -4.32 -17.22 37.74
C LYS C 26 -3.25 -18.34 37.65
N SER C 27 -1.97 -17.93 37.69
CA SER C 27 -0.81 -18.83 37.60
C SER C 27 -0.97 -19.86 36.48
N LEU C 28 -1.41 -19.33 35.35
CA LEU C 28 -2.09 -20.05 34.30
C LEU C 28 -1.45 -19.68 32.96
N LYS C 29 -1.02 -20.68 32.21
CA LYS C 29 -0.17 -20.43 31.04
C LYS C 29 -0.91 -20.45 29.67
N ASP C 30 -0.78 -19.36 28.91
CA ASP C 30 -1.34 -19.29 27.56
C ASP C 30 -0.75 -20.32 26.60
N THR C 31 -1.42 -20.54 25.48
CA THR C 31 -1.08 -21.67 24.63
C THR C 31 0.27 -21.63 23.89
N THR C 32 0.95 -20.50 23.80
CA THR C 32 2.16 -20.44 22.95
C THR C 32 3.41 -19.84 23.60
N GLU C 33 3.23 -19.28 24.79
CA GLU C 33 4.32 -18.62 25.50
C GLU C 33 5.52 -19.54 25.82
N LYS C 34 5.30 -20.85 25.80
CA LYS C 34 6.38 -21.80 26.05
C LYS C 34 7.48 -21.56 25.01
N GLU C 35 7.04 -21.45 23.76
CA GLU C 35 7.91 -21.30 22.60
C GLU C 35 8.77 -20.06 22.74
N LEU C 36 8.13 -18.97 23.23
CA LEU C 36 8.83 -17.70 23.51
C LEU C 36 9.99 -18.04 24.40
N LEU C 37 9.68 -18.66 25.53
CA LEU C 37 10.66 -19.00 26.56
C LEU C 37 11.77 -19.89 26.01
N ASP C 38 11.38 -21.02 25.43
CA ASP C 38 12.34 -22.04 24.98
C ASP C 38 13.37 -21.47 24.02
N SER C 39 13.11 -20.27 23.51
CA SER C 39 13.98 -19.68 22.52
C SER C 39 15.21 -19.10 23.17
N TYR C 40 15.23 -19.10 24.51
CA TYR C 40 16.24 -18.38 25.29
C TYR C 40 17.60 -19.08 25.41
N ILE C 41 18.37 -18.92 24.35
CA ILE C 41 19.54 -19.76 24.02
C ILE C 41 20.76 -19.51 24.90
N ASP C 42 21.80 -18.98 24.25
CA ASP C 42 23.17 -18.76 24.78
C ASP C 42 23.35 -17.41 25.55
N GLY C 43 24.61 -16.98 25.71
CA GLY C 43 24.95 -15.66 26.27
C GLY C 43 25.33 -15.63 27.75
N ILE D 1 -1.75 -9.96 10.15
CA ILE D 1 -0.96 -11.01 10.88
C ILE D 1 -0.82 -12.35 10.09
N VAL D 2 0.10 -12.35 9.12
CA VAL D 2 0.41 -13.51 8.26
C VAL D 2 0.69 -14.83 9.04
N GLU D 3 -0.25 -15.77 8.98
CA GLU D 3 -0.08 -17.02 9.68
C GLU D 3 -0.18 -16.81 11.19
N GLY D 4 -1.29 -16.26 11.62
CA GLY D 4 -1.45 -15.87 13.01
C GLY D 4 -2.06 -16.98 13.82
N TRP D 5 -2.93 -16.60 14.74
CA TRP D 5 -3.86 -17.51 15.35
C TRP D 5 -4.69 -16.77 16.36
N ASP D 6 -5.93 -17.20 16.52
CA ASP D 6 -6.88 -16.54 17.39
C ASP D 6 -6.23 -16.24 18.74
N ALA D 7 -6.54 -15.05 19.26
CA ALA D 7 -6.04 -14.66 20.58
C ALA D 7 -6.98 -15.19 21.64
N GLU D 8 -6.47 -16.02 22.56
CA GLU D 8 -7.28 -16.41 23.74
C GLU D 8 -7.78 -15.14 24.43
N LYS D 9 -8.99 -15.13 24.97
CA LYS D 9 -9.53 -13.90 25.53
C LYS D 9 -8.54 -13.36 26.57
N GLY D 10 -8.34 -12.03 26.57
CA GLY D 10 -7.46 -11.35 27.52
C GLY D 10 -6.00 -11.76 27.50
N ILE D 11 -5.53 -12.32 26.39
CA ILE D 11 -4.13 -12.68 26.29
C ILE D 11 -3.27 -11.44 26.17
N ALA D 12 -3.78 -10.43 25.47
CA ALA D 12 -3.02 -9.20 25.23
C ALA D 12 -3.74 -7.97 25.77
N PRO D 13 -3.80 -7.81 27.13
CA PRO D 13 -4.65 -6.79 27.73
C PRO D 13 -4.14 -5.39 27.52
N TRP D 14 -2.95 -5.27 26.96
CA TRP D 14 -2.45 -3.98 26.51
C TRP D 14 -2.95 -3.60 25.11
N GLN D 15 -3.32 -4.60 24.31
CA GLN D 15 -3.52 -4.36 22.90
C GLN D 15 -4.52 -3.25 22.78
N VAL D 16 -4.31 -2.35 21.81
CA VAL D 16 -5.24 -1.25 21.62
C VAL D 16 -5.47 -1.04 20.16
N MET D 17 -6.68 -0.64 19.81
CA MET D 17 -7.08 -0.43 18.44
C MET D 17 -7.13 1.07 18.17
N LEU D 18 -6.42 1.56 17.17
CA LEU D 18 -6.47 2.97 16.91
C LEU D 18 -7.54 3.14 15.88
N PHE D 19 -8.68 3.71 16.27
CA PHE D 19 -9.87 3.87 15.37
C PHE D 19 -10.01 5.27 14.77
N ARG D 20 -10.62 5.36 13.58
CA ARG D 20 -10.83 6.67 12.93
C ARG D 20 -12.21 7.14 13.31
N LYS D 21 -12.34 8.40 13.70
CA LYS D 21 -13.66 8.90 14.13
C LYS D 21 -14.72 8.78 13.04
N SER D 22 -14.38 9.19 11.82
CA SER D 22 -15.35 9.21 10.71
C SER D 22 -14.72 9.52 9.34
N PRO D 23 -14.62 8.51 8.45
CA PRO D 23 -15.23 7.15 8.43
C PRO D 23 -14.80 6.18 9.55
N GLN D 24 -15.77 5.56 10.19
CA GLN D 24 -15.51 4.67 11.30
C GLN D 24 -14.68 3.43 10.89
N GLU D 25 -13.39 3.63 10.60
CA GLU D 25 -12.50 2.50 10.23
C GLU D 25 -11.25 2.37 11.12
N LEU D 26 -10.75 1.15 11.22
CA LEU D 26 -9.63 0.81 12.05
C LEU D 26 -8.33 1.30 11.44
N LEU D 27 -7.68 2.26 12.07
CA LEU D 27 -6.45 2.84 11.48
C LEU D 27 -5.16 2.12 11.72
N CYS D 28 -5.02 1.41 12.84
CA CYS D 28 -3.72 0.87 13.27
C CYS D 28 -3.78 0.12 14.58
N GLY D 29 -2.70 -0.61 14.86
CA GLY D 29 -2.42 -1.14 16.21
C GLY D 29 -1.78 -0.12 17.15
N ALA D 30 -1.81 -0.42 18.44
CA ALA D 30 -1.33 0.46 19.53
C ALA D 30 -1.59 -0.34 20.82
N SER D 31 -1.00 0.15 21.91
CA SER D 31 -0.73 -0.67 23.09
C SER D 31 -0.81 0.29 24.22
N LEU D 32 -1.31 -0.18 25.36
CA LEU D 32 -1.60 0.66 26.55
C LEU D 32 -0.46 0.60 27.53
N ILE D 33 0.02 1.75 28.02
CA ILE D 33 1.11 1.75 29.02
C ILE D 33 0.75 2.20 30.46
N SER D 34 -0.45 2.76 30.62
CA SER D 34 -0.95 3.22 31.93
C SER D 34 -2.35 3.74 31.68
N ASP D 35 -3.20 3.74 32.70
CA ASP D 35 -4.57 4.19 32.54
C ASP D 35 -4.68 5.54 31.82
N ARG D 36 -3.55 6.19 31.54
CA ARG D 36 -3.54 7.53 30.90
C ARG D 36 -2.82 7.63 29.50
N TRP D 37 -1.81 6.76 29.24
CA TRP D 37 -1.00 6.85 27.99
C TRP D 37 -0.93 5.57 27.12
N VAL D 38 -0.77 5.80 25.81
CA VAL D 38 -0.82 4.75 24.81
C VAL D 38 0.21 4.99 23.72
N LEU D 39 0.75 3.88 23.24
CA LEU D 39 1.91 3.85 22.43
C LEU D 39 1.63 3.32 21.03
N THR D 40 2.00 4.06 20.00
CA THR D 40 1.79 3.61 18.64
C THR D 40 2.87 4.08 17.66
N ALA D 41 2.63 3.90 16.36
CA ALA D 41 3.60 4.23 15.34
C ALA D 41 3.24 5.54 14.69
N ALA D 42 4.22 6.43 14.57
CA ALA D 42 4.03 7.74 13.95
C ALA D 42 3.46 7.67 12.53
N HIS D 43 3.73 6.62 11.78
CA HIS D 43 3.22 6.65 10.43
C HIS D 43 1.73 6.34 10.50
N CYS D 44 1.28 5.88 11.67
CA CYS D 44 -0.15 5.76 11.84
C CYS D 44 -0.81 7.13 11.98
N ILE D 45 -0.04 8.18 12.27
CA ILE D 45 -0.65 9.54 12.41
C ILE D 45 -0.29 10.49 11.26
N LEU D 46 1.00 10.57 10.95
CA LEU D 46 1.46 11.45 9.89
C LEU D 46 2.23 10.66 8.80
N TYR D 47 1.57 10.39 7.68
CA TYR D 47 2.25 9.94 6.51
C TYR D 47 1.37 10.37 5.38
N PRO D 48 1.62 11.58 4.88
CA PRO D 48 0.67 12.13 3.91
C PRO D 48 0.53 11.36 2.61
N PRO D 49 1.56 10.57 2.21
CA PRO D 49 1.35 9.82 1.00
C PRO D 49 0.29 8.70 1.12
N TRP D 50 -0.27 8.44 2.29
CA TRP D 50 -1.45 7.60 2.29
C TRP D 50 -2.66 8.36 2.76
N ASP D 51 -2.56 9.69 2.73
CA ASP D 51 -3.64 10.63 3.14
C ASP D 51 -3.96 10.41 4.61
N LYS D 52 -2.90 10.48 5.42
CA LYS D 52 -2.93 10.27 6.86
C LYS D 52 -2.36 11.50 7.52
N ASN D 53 -3.21 12.38 8.04
CA ASN D 53 -2.71 13.63 8.62
C ASN D 53 -3.40 13.92 9.98
N PHE D 54 -3.91 12.90 10.64
CA PHE D 54 -4.77 13.09 11.82
C PHE D 54 -4.25 13.92 13.02
N THR D 55 -5.16 14.68 13.62
CA THR D 55 -5.00 15.33 14.93
C THR D 55 -5.93 14.61 15.89
N GLU D 56 -5.68 14.70 17.20
CA GLU D 56 -6.45 13.99 18.24
C GLU D 56 -7.98 13.94 18.07
N ASN D 57 -8.53 15.09 17.63
CA ASN D 57 -9.94 15.25 17.22
C ASN D 57 -10.45 14.31 16.16
N ASP D 58 -9.56 13.87 15.28
CA ASP D 58 -9.85 12.97 14.17
C ASP D 58 -9.86 11.50 14.62
N LEU D 59 -9.39 11.21 15.83
CA LEU D 59 -9.23 9.78 16.27
C LEU D 59 -9.74 9.45 17.69
N LEU D 60 -9.94 8.16 17.92
CA LEU D 60 -10.31 7.67 19.21
C LEU D 60 -9.68 6.31 19.37
N VAL D 61 -9.78 5.75 20.57
CA VAL D 61 -9.15 4.47 20.87
C VAL D 61 -10.12 3.49 21.51
N ARG D 62 -9.79 2.22 21.41
CA ARG D 62 -10.69 1.19 21.84
C ARG D 62 -9.80 0.14 22.42
N ILE D 63 -10.22 -0.37 23.58
CA ILE D 63 -9.35 -1.12 24.46
C ILE D 63 -10.08 -2.20 25.22
N GLY D 64 -9.44 -3.37 25.22
CA GLY D 64 -9.97 -4.57 25.85
C GLY D 64 -10.77 -5.40 24.85
N LYS D 65 -10.29 -5.45 23.60
CA LYS D 65 -11.02 -6.05 22.47
C LYS D 65 -10.50 -7.41 22.00
N HIS D 66 -11.44 -8.25 21.59
CA HIS D 66 -11.16 -9.55 21.02
C HIS D 66 -11.42 -9.40 19.52
N SER D 67 -12.69 -9.34 19.13
CA SER D 67 -13.09 -9.19 17.73
C SER D 67 -12.59 -7.90 17.13
N ARG D 68 -12.59 -7.81 15.81
CA ARG D 68 -12.38 -6.53 15.14
C ARG D 68 -13.65 -5.64 15.17
N THR D 69 -14.83 -6.25 15.17
CA THR D 69 -16.08 -5.51 14.88
C THR D 69 -17.16 -5.54 15.98
N ARG D 70 -17.72 -6.73 16.24
CA ARG D 70 -18.76 -6.90 17.27
C ARG D 70 -18.39 -6.05 18.53
N TYR D 71 -19.25 -5.07 18.86
CA TYR D 71 -19.04 -4.24 20.08
C TYR D 71 -19.18 -5.05 21.38
N GLU D 72 -18.05 -5.50 21.90
CA GLU D 72 -18.00 -6.35 23.08
C GLU D 72 -18.37 -5.56 24.35
N ARG D 73 -19.67 -5.36 24.57
CA ARG D 73 -20.16 -4.52 25.68
C ARG D 73 -19.81 -5.15 27.03
N ASN D 74 -19.66 -4.27 28.02
CA ASN D 74 -19.28 -4.62 29.40
C ASN D 74 -17.78 -4.74 29.52
N VAL D 75 -17.14 -4.99 28.38
CA VAL D 75 -15.69 -5.23 28.32
C VAL D 75 -14.91 -4.05 27.75
N GLU D 76 -15.16 -3.72 26.50
CA GLU D 76 -14.33 -2.76 25.84
C GLU D 76 -14.74 -1.34 26.14
N LYS D 77 -13.72 -0.49 26.23
CA LYS D 77 -13.92 0.89 26.61
C LYS D 77 -13.39 1.79 25.51
N ILE D 78 -14.03 2.94 25.35
CA ILE D 78 -13.64 3.87 24.30
C ILE D 78 -13.06 5.08 24.97
N SER D 79 -11.78 5.36 24.79
CA SER D 79 -11.29 6.67 25.17
C SER D 79 -11.05 7.59 23.95
N MET D 80 -11.26 8.90 24.10
CA MET D 80 -10.85 9.83 23.07
C MET D 80 -9.54 10.41 23.53
N LEU D 81 -8.69 10.79 22.58
CA LEU D 81 -7.38 11.35 22.91
C LEU D 81 -7.41 12.83 23.26
N GLU D 82 -6.78 13.24 24.35
CA GLU D 82 -6.72 14.67 24.65
C GLU D 82 -5.75 15.42 23.75
N LYS D 83 -4.59 14.82 23.48
CA LYS D 83 -3.52 15.36 22.59
C LYS D 83 -2.65 14.18 22.12
N ILE D 84 -1.87 14.43 21.05
CA ILE D 84 -1.02 13.40 20.39
C ILE D 84 0.47 13.80 20.27
N TYR D 85 1.40 12.93 20.67
CA TYR D 85 2.82 13.30 20.55
C TYR D 85 3.66 12.45 19.59
N VAL D 86 3.93 13.01 18.40
CA VAL D 86 4.84 12.34 17.45
C VAL D 86 6.23 12.73 17.85
N HIS D 87 7.14 11.80 17.72
CA HIS D 87 8.54 12.16 17.85
C HIS D 87 8.90 13.32 16.92
N PRO D 88 9.70 14.25 17.45
CA PRO D 88 9.87 15.47 16.68
C PRO D 88 10.94 15.29 15.62
N ARG D 89 11.67 14.19 15.69
CA ARG D 89 12.71 13.89 14.71
C ARG D 89 12.19 13.00 13.56
N TYR D 90 11.19 12.14 13.85
CA TYR D 90 10.41 11.39 12.82
C TYR D 90 10.05 12.18 11.56
N ASN D 91 10.71 11.83 10.47
CA ASN D 91 10.61 12.55 9.22
C ASN D 91 10.01 11.63 8.17
N TRP D 92 8.68 11.54 8.17
CA TRP D 92 7.95 10.74 7.16
C TRP D 92 8.50 10.88 5.75
N ARG D 93 8.96 12.09 5.41
CA ARG D 93 9.57 12.32 4.12
C ARG D 93 10.82 11.47 3.83
N GLU D 94 11.47 10.97 4.87
CA GLU D 94 12.78 10.34 4.68
C GLU D 94 12.85 8.87 4.94
N ASN D 95 12.09 8.35 5.91
CA ASN D 95 12.11 6.94 6.36
C ASN D 95 11.63 6.76 7.79
N LEU D 96 11.52 5.48 8.19
CA LEU D 96 10.89 5.10 9.47
C LEU D 96 11.69 5.34 10.77
N ASP D 97 12.71 6.18 10.75
CA ASP D 97 13.43 6.47 11.98
C ASP D 97 12.48 7.09 13.03
N ARG D 98 12.32 6.36 14.13
CA ARG D 98 11.57 6.80 15.29
C ARG D 98 10.11 6.84 14.99
N ASP D 99 9.65 5.79 14.34
CA ASP D 99 8.25 5.71 14.00
C ASP D 99 7.56 5.53 15.30
N ILE D 100 7.21 6.61 16.00
CA ILE D 100 6.65 6.49 17.34
C ILE D 100 5.79 7.67 17.66
N ALA D 101 4.78 7.44 18.48
CA ALA D 101 3.86 8.50 18.81
C ALA D 101 3.14 8.19 20.10
N LEU D 102 3.00 9.23 20.90
CA LEU D 102 2.31 9.09 22.14
C LEU D 102 0.90 9.69 22.09
N LEU D 103 -0.08 8.91 22.57
CA LEU D 103 -1.45 9.41 22.67
C LEU D 103 -1.93 9.50 24.12
N LYS D 104 -2.33 10.69 24.56
CA LYS D 104 -2.83 10.91 25.93
C LYS D 104 -4.35 10.89 26.04
N LEU D 105 -4.90 9.99 26.85
CA LEU D 105 -6.37 9.80 26.88
C LEU D 105 -7.05 10.81 27.82
N LYS D 106 -8.19 11.39 27.41
CA LYS D 106 -8.87 12.42 28.25
C LYS D 106 -9.20 11.90 29.67
N LYS D 107 -9.85 10.74 29.75
CA LYS D 107 -10.03 10.07 31.04
C LYS D 107 -9.03 8.91 31.15
N PRO D 108 -8.50 8.68 32.36
CA PRO D 108 -7.88 7.37 32.58
C PRO D 108 -8.84 6.22 32.23
N VAL D 109 -8.28 5.13 31.73
CA VAL D 109 -9.08 3.94 31.48
C VAL D 109 -9.09 3.05 32.73
N PRO D 110 -10.26 2.53 33.07
CA PRO D 110 -10.38 1.63 34.23
C PRO D 110 -9.89 0.26 33.87
N PHE D 111 -9.20 -0.39 34.81
CA PHE D 111 -8.53 -1.66 34.53
C PHE D 111 -9.46 -2.83 34.68
N SER D 112 -8.92 -4.01 34.39
CA SER D 112 -9.64 -5.28 34.56
C SER D 112 -8.92 -6.46 33.93
N ASP D 113 -9.72 -7.48 33.58
CA ASP D 113 -9.25 -8.71 32.95
C ASP D 113 -8.68 -8.50 31.53
N TYR D 114 -9.18 -7.47 30.83
CA TYR D 114 -8.85 -7.29 29.40
C TYR D 114 -8.06 -6.02 29.14
N ILE D 115 -8.11 -5.11 30.09
CA ILE D 115 -7.41 -3.85 30.03
C ILE D 115 -6.30 -3.92 31.05
N HIS D 116 -5.05 -3.81 30.59
CA HIS D 116 -3.90 -3.97 31.49
C HIS D 116 -2.55 -3.60 30.84
N PRO D 117 -1.85 -2.62 31.45
CA PRO D 117 -0.71 -1.99 30.79
C PRO D 117 0.48 -2.92 30.69
N VAL D 118 1.27 -2.70 29.65
CA VAL D 118 2.45 -3.50 29.47
C VAL D 118 3.62 -2.78 30.16
N CYS D 119 4.73 -3.49 30.34
CA CYS D 119 5.87 -2.91 31.05
C CYS D 119 6.81 -2.36 30.05
N LEU D 120 7.46 -1.26 30.40
CA LEU D 120 8.49 -0.77 29.55
C LEU D 120 9.81 -1.36 29.94
N PRO D 121 10.63 -1.75 28.95
CA PRO D 121 11.89 -2.43 29.26
C PRO D 121 12.91 -1.52 29.94
N ASP D 122 13.90 -2.13 30.59
CA ASP D 122 15.05 -1.38 31.08
C ASP D 122 16.32 -1.94 30.40
N LYS D 123 17.35 -1.08 30.22
CA LYS D 123 18.63 -1.51 29.63
C LYS D 123 18.93 -2.97 29.99
N GLN D 124 18.85 -3.29 31.29
CA GLN D 124 18.95 -4.65 31.80
C GLN D 124 18.19 -5.69 30.93
N THR D 125 16.86 -5.58 30.89
CA THR D 125 16.06 -6.48 30.05
C THR D 125 16.58 -6.51 28.56
N VAL D 126 16.82 -5.33 27.98
CA VAL D 126 17.35 -5.23 26.61
C VAL D 126 18.60 -6.08 26.39
N THR D 127 19.62 -5.94 27.24
CA THR D 127 20.83 -6.74 27.00
C THR D 127 20.55 -8.26 27.04
N SER D 128 19.67 -8.66 27.96
CA SER D 128 19.41 -10.07 28.16
C SER D 128 18.36 -10.64 27.21
N LEU D 129 17.44 -9.79 26.70
CA LEU D 129 16.31 -10.30 25.84
C LEU D 129 16.31 -9.97 24.34
N LEU D 130 16.71 -8.76 24.00
CA LEU D 130 16.75 -8.36 22.61
C LEU D 130 17.91 -9.07 21.94
N ARG D 131 17.66 -10.29 21.51
CA ARG D 131 18.75 -11.16 21.07
C ARG D 131 18.43 -11.92 19.77
N ALA D 132 19.45 -12.09 18.92
CA ALA D 132 19.32 -12.81 17.68
C ALA D 132 18.65 -14.13 17.94
N GLY D 133 17.44 -14.32 17.44
CA GLY D 133 16.75 -15.61 17.55
C GLY D 133 15.79 -15.77 18.71
N TYR D 134 15.88 -14.88 19.69
CA TYR D 134 14.89 -14.84 20.75
C TYR D 134 13.56 -14.45 20.10
N LYS D 135 12.51 -15.21 20.36
CA LYS D 135 11.20 -14.89 19.79
C LYS D 135 10.50 -13.85 20.63
N GLY D 136 9.65 -13.06 19.98
CA GLY D 136 8.75 -12.11 20.63
C GLY D 136 7.39 -12.32 20.02
N ARG D 137 6.40 -11.62 20.52
CA ARG D 137 5.02 -11.84 20.08
C ARG D 137 4.35 -10.56 19.57
N VAL D 138 4.07 -10.53 18.27
CA VAL D 138 3.37 -9.39 17.73
C VAL D 138 1.90 -9.65 17.77
N THR D 139 1.13 -8.61 18.00
CA THR D 139 -0.32 -8.77 18.07
C THR D 139 -1.12 -7.70 17.35
N GLY D 140 -1.99 -8.14 16.42
CA GLY D 140 -2.81 -7.21 15.65
C GLY D 140 -4.06 -7.72 14.95
N TRP D 141 -4.74 -6.77 14.28
CA TRP D 141 -5.97 -6.98 13.46
C TRP D 141 -5.76 -6.65 11.99
N GLY D 142 -4.51 -6.66 11.54
CA GLY D 142 -4.25 -6.36 10.15
C GLY D 142 -4.56 -7.59 9.32
N ASN D 143 -4.51 -7.41 8.01
CA ASN D 143 -4.84 -8.46 7.06
C ASN D 143 -3.98 -9.72 7.15
N LEU D 144 -4.63 -10.86 6.97
CA LEU D 144 -4.00 -12.16 7.19
C LEU D 144 -3.26 -12.66 5.97
N ARG D 145 -3.66 -12.16 4.79
CA ARG D 145 -3.12 -12.63 3.48
C ARG D 145 -2.77 -11.46 2.54
N GLU D 146 -1.84 -11.68 1.61
CA GLU D 146 -1.63 -10.74 0.49
C GLU D 146 -2.95 -10.52 -0.23
N THR D 147 -3.33 -9.27 -0.45
CA THR D 147 -4.72 -8.96 -0.90
C THR D 147 -5.07 -9.35 -2.35
N TRP D 148 -6.31 -9.80 -2.55
CA TRP D 148 -6.87 -10.30 -3.85
C TRP D 148 -6.60 -11.78 -4.17
N THR D 149 -6.00 -12.48 -3.23
CA THR D 149 -6.09 -13.92 -3.20
C THR D 149 -7.32 -13.96 -2.34
N THR D 150 -8.13 -15.01 -2.37
CA THR D 150 -9.40 -14.99 -1.59
C THR D 150 -10.17 -13.62 -1.61
N ASN D 151 -10.96 -13.33 -0.59
CA ASN D 151 -11.87 -12.21 -0.68
C ASN D 151 -11.88 -11.47 0.63
N ILE D 152 -11.87 -10.14 0.59
CA ILE D 152 -12.01 -9.34 1.83
C ILE D 152 -13.25 -9.89 2.51
N ASN D 153 -13.09 -10.43 3.71
CA ASN D 153 -14.08 -11.25 4.46
C ASN D 153 -13.35 -12.40 5.13
N GLU D 154 -12.53 -13.09 4.34
CA GLU D 154 -11.33 -13.74 4.84
C GLU D 154 -10.31 -12.63 4.72
N ILE D 155 -9.03 -12.90 5.01
CA ILE D 155 -8.00 -11.83 5.13
C ILE D 155 -8.17 -10.81 6.27
N GLN D 156 -9.30 -10.09 6.31
CA GLN D 156 -9.66 -9.28 7.48
C GLN D 156 -9.95 -10.27 8.60
N PRO D 157 -9.18 -10.22 9.72
CA PRO D 157 -9.30 -11.23 10.78
C PRO D 157 -10.49 -10.94 11.64
N SER D 158 -11.38 -11.90 11.86
CA SER D 158 -12.59 -11.53 12.56
C SER D 158 -12.36 -11.44 14.09
N VAL D 159 -11.24 -11.98 14.55
CA VAL D 159 -10.77 -11.76 15.93
C VAL D 159 -9.30 -11.34 15.95
N LEU D 160 -8.78 -11.01 17.13
CA LEU D 160 -7.42 -10.53 17.25
C LEU D 160 -6.47 -11.68 17.03
N GLN D 161 -5.30 -11.36 16.51
CA GLN D 161 -4.36 -12.34 16.02
C GLN D 161 -3.03 -12.28 16.73
N VAL D 162 -2.45 -13.44 16.96
CA VAL D 162 -1.22 -13.54 17.73
C VAL D 162 -0.19 -14.24 16.89
N VAL D 163 1.04 -13.75 16.88
CA VAL D 163 2.11 -14.58 16.33
C VAL D 163 3.51 -14.28 16.89
N ASN D 164 4.36 -15.31 16.89
CA ASN D 164 5.69 -15.22 17.47
C ASN D 164 6.82 -15.21 16.45
N LEU D 165 7.68 -14.20 16.53
CA LEU D 165 8.69 -14.03 15.51
C LEU D 165 10.04 -13.89 16.18
N PRO D 166 11.09 -14.51 15.61
CA PRO D 166 12.48 -14.48 16.11
C PRO D 166 13.21 -13.19 15.80
N ILE D 167 13.89 -12.62 16.79
CA ILE D 167 14.63 -11.37 16.56
C ILE D 167 15.76 -11.66 15.56
N VAL D 168 15.79 -10.90 14.46
CA VAL D 168 16.71 -11.18 13.37
C VAL D 168 18.07 -10.54 13.66
N GLU D 169 19.14 -11.21 13.22
CA GLU D 169 20.52 -10.68 13.31
C GLU D 169 20.55 -9.31 12.62
N ARG D 170 21.16 -8.31 13.27
CA ARG D 170 21.23 -6.97 12.68
C ARG D 170 21.84 -6.93 11.26
N PRO D 171 23.05 -7.48 11.07
CA PRO D 171 23.57 -7.16 9.75
C PRO D 171 22.72 -7.77 8.62
N VAL D 172 21.82 -8.70 8.96
CA VAL D 172 21.14 -9.55 7.95
C VAL D 172 19.85 -8.94 7.40
N CYS D 173 19.06 -8.42 8.35
CA CYS D 173 17.96 -7.54 8.09
C CYS D 173 18.46 -6.37 7.29
N LYS D 174 19.41 -5.60 7.86
CA LYS D 174 20.17 -4.51 7.17
C LYS D 174 20.41 -4.78 5.68
N ALA D 175 20.83 -6.01 5.38
CA ALA D 175 21.33 -6.38 4.08
C ALA D 175 20.21 -6.85 3.22
N SER D 176 19.08 -7.09 3.84
CA SER D 176 17.93 -7.74 3.21
C SER D 176 17.04 -6.74 2.54
N THR D 177 17.24 -5.46 2.85
CA THR D 177 16.38 -4.43 2.29
C THR D 177 17.12 -3.16 2.06
N ARG D 178 16.68 -2.37 1.07
CA ARG D 178 17.33 -1.09 0.69
C ARG D 178 16.98 0.16 1.55
N ILE D 179 16.17 -0.05 2.58
CA ILE D 179 15.86 0.96 3.59
C ILE D 179 16.96 1.02 4.69
N ARG D 180 17.42 2.22 5.09
CA ARG D 180 18.34 2.35 6.25
C ARG D 180 17.63 1.65 7.46
N ILE D 181 18.30 0.72 8.15
CA ILE D 181 17.79 0.30 9.49
C ILE D 181 18.48 1.16 10.56
N THR D 182 17.81 2.19 11.05
CA THR D 182 18.54 3.09 11.93
C THR D 182 18.81 2.36 13.19
N ASP D 183 19.68 2.94 14.02
CA ASP D 183 20.10 2.31 15.26
C ASP D 183 18.92 2.08 16.22
N ASN D 184 17.75 2.62 15.86
CA ASN D 184 16.55 2.61 16.70
C ASN D 184 15.50 1.59 16.25
N MET D 185 15.96 0.55 15.56
CA MET D 185 15.08 -0.44 14.93
C MET D 185 15.63 -1.85 15.15
N PHE D 186 14.75 -2.82 15.08
CA PHE D 186 15.18 -4.20 14.91
C PHE D 186 14.14 -4.87 14.00
N CYS D 187 14.40 -6.14 13.69
CA CYS D 187 13.60 -6.87 12.70
C CYS D 187 13.31 -8.24 13.23
N ALA D 188 12.12 -8.74 12.99
CA ALA D 188 11.85 -10.11 13.37
C ALA D 188 11.06 -10.80 12.29
N GLY D 189 11.23 -12.13 12.22
CA GLY D 189 10.63 -13.00 11.17
C GLY D 189 11.43 -14.27 10.94
N PHE D 190 10.90 -15.18 10.15
CA PHE D 190 11.65 -16.39 9.93
C PHE D 190 12.62 -16.29 8.78
N LYS D 191 13.55 -17.23 8.71
CA LYS D 191 14.64 -17.20 7.70
C LYS D 191 14.13 -17.20 6.24
N VAL D 192 15.00 -16.74 5.34
CA VAL D 192 14.96 -16.93 3.86
C VAL D 192 13.84 -17.87 3.34
N ASN D 193 13.74 -19.05 3.96
CA ASN D 193 12.87 -20.14 3.51
C ASN D 193 11.87 -20.60 4.59
N ASP D 194 12.43 -21.06 5.70
CA ASP D 194 11.72 -21.57 6.87
C ASP D 194 10.22 -21.93 6.73
N THR D 195 9.90 -23.16 7.15
CA THR D 195 8.52 -23.70 7.16
C THR D 195 7.49 -22.91 8.02
N LYS D 196 7.74 -21.63 8.21
CA LYS D 196 6.79 -20.73 8.84
C LYS D 196 7.07 -19.41 8.15
N ARG D 197 6.02 -18.69 7.81
CA ARG D 197 6.24 -17.39 7.19
C ARG D 197 5.44 -16.35 7.95
N GLY D 198 5.53 -16.41 9.28
CA GLY D 198 4.80 -15.52 10.17
C GLY D 198 5.32 -14.11 10.06
N ASP D 199 4.40 -13.16 10.08
CA ASP D 199 4.71 -11.74 9.89
C ASP D 199 3.47 -10.90 10.11
N ALA D 200 3.62 -9.58 10.17
CA ALA D 200 2.49 -8.71 10.41
C ALA D 200 2.41 -7.72 9.30
N CYS D 201 1.19 -7.27 9.03
CA CYS D 201 0.91 -6.35 7.92
C CYS D 201 0.43 -4.97 8.40
N GLU D 202 0.07 -4.11 7.46
CA GLU D 202 0.09 -2.69 7.72
C GLU D 202 -1.00 -2.21 8.66
N GLY D 203 -1.97 -3.05 8.95
CA GLY D 203 -3.06 -2.70 9.88
C GLY D 203 -2.60 -3.08 11.26
N ASP D 204 -1.47 -3.78 11.28
CA ASP D 204 -0.84 -4.12 12.53
C ASP D 204 0.17 -3.02 12.89
N SER D 205 0.31 -2.05 12.02
CA SER D 205 1.29 -1.02 12.25
C SER D 205 0.97 -0.35 13.57
N GLY D 206 2.00 -0.02 14.35
CA GLY D 206 1.88 0.70 15.63
C GLY D 206 1.46 -0.17 16.81
N GLY D 207 1.18 -1.44 16.54
CA GLY D 207 0.88 -2.39 17.59
C GLY D 207 2.18 -2.96 18.12
N PRO D 208 2.09 -3.80 19.12
CA PRO D 208 3.23 -4.10 19.96
C PRO D 208 3.92 -5.40 19.77
N PHE D 209 5.23 -5.35 19.63
CA PHE D 209 6.05 -6.54 19.74
C PHE D 209 6.38 -6.69 21.23
N VAL D 210 5.79 -7.67 21.90
CA VAL D 210 6.03 -7.88 23.34
C VAL D 210 6.91 -9.10 23.62
N MET D 211 7.71 -9.04 24.67
CA MET D 211 8.45 -10.24 25.14
C MET D 211 8.11 -10.64 26.61
N LYS D 212 7.98 -11.94 26.88
CA LYS D 212 7.76 -12.40 28.24
C LYS D 212 9.09 -12.74 28.87
N SER D 213 9.14 -12.67 30.21
CA SER D 213 10.37 -12.58 30.98
C SER D 213 10.74 -13.82 31.81
N PRO D 214 11.92 -14.37 31.56
CA PRO D 214 12.32 -15.61 32.18
C PRO D 214 12.67 -15.43 33.66
N PHE D 215 12.54 -14.19 34.16
CA PHE D 215 12.74 -13.87 35.61
C PHE D 215 11.47 -13.32 36.26
N ASN D 216 11.34 -12.00 36.37
CA ASN D 216 10.16 -11.40 37.03
C ASN D 216 8.76 -11.72 36.45
N ASN D 217 8.69 -12.43 35.32
CA ASN D 217 7.43 -12.89 34.68
C ASN D 217 6.48 -11.84 34.11
N ARG D 218 6.95 -10.62 33.96
CA ARG D 218 6.09 -9.59 33.40
C ARG D 218 6.27 -9.50 31.87
N TRP D 219 5.43 -8.72 31.21
CA TRP D 219 5.52 -8.60 29.76
C TRP D 219 6.10 -7.24 29.43
N TYR D 220 7.22 -7.22 28.69
CA TYR D 220 7.83 -5.94 28.26
C TYR D 220 7.63 -5.68 26.77
N GLN D 221 7.18 -4.48 26.46
CA GLN D 221 6.97 -4.09 25.08
C GLN D 221 8.30 -3.68 24.53
N MET D 222 9.01 -4.63 23.95
CA MET D 222 10.34 -4.39 23.45
C MET D 222 10.38 -3.53 22.23
N GLY D 223 9.37 -3.69 21.36
CA GLY D 223 9.34 -3.01 20.07
C GLY D 223 7.93 -2.53 19.72
N ILE D 224 7.84 -1.88 18.54
CA ILE D 224 6.61 -1.30 17.95
C ILE D 224 6.60 -1.69 16.45
N VAL D 225 5.52 -2.27 15.95
CA VAL D 225 5.45 -2.59 14.54
C VAL D 225 5.56 -1.30 13.71
N SER D 226 6.67 -1.18 12.96
CA SER D 226 6.80 -0.08 12.02
C SER D 226 6.44 -0.49 10.60
N ALA D 227 7.18 -1.46 10.06
CA ALA D 227 6.89 -1.97 8.74
C ALA D 227 6.99 -3.50 8.73
N GLY D 228 5.65 -4.12 8.73
CA GLY D 228 5.64 -5.56 8.66
C GLY D 228 5.92 -5.96 7.23
N ALA D 229 6.38 -7.20 7.05
CA ALA D 229 6.68 -7.75 5.72
C ALA D 229 5.52 -8.60 5.23
N GLY D 230 4.50 -8.74 6.05
CA GLY D 230 3.34 -9.53 5.68
C GLY D 230 2.41 -8.98 4.61
N CYS D 231 1.62 -9.80 4.17
CA CYS D 231 0.62 -9.38 3.22
C CYS D 231 1.15 -8.76 1.89
N ASP D 232 0.76 -7.52 1.62
CA ASP D 232 1.00 -6.93 0.31
C ASP D 232 2.47 -6.55 0.02
N ARG D 233 3.13 -6.03 1.04
CA ARG D 233 4.54 -5.63 0.97
C ARG D 233 5.50 -6.81 0.72
N LYS D 234 5.07 -8.06 1.07
CA LYS D 234 5.74 -9.37 0.72
C LYS D 234 7.27 -9.45 1.00
N GLY D 235 7.78 -8.48 1.81
CA GLY D 235 9.24 -8.19 2.06
C GLY D 235 9.95 -9.19 2.93
N LYS D 236 11.25 -8.99 3.18
CA LYS D 236 12.02 -10.07 3.84
C LYS D 236 11.84 -10.20 5.38
N TYR D 237 12.21 -9.18 6.13
CA TYR D 237 11.90 -9.16 7.55
C TYR D 237 11.22 -7.84 7.95
N GLY D 238 10.27 -7.92 8.89
CA GLY D 238 9.52 -6.72 9.31
C GLY D 238 10.41 -5.82 10.14
N PHE D 239 10.04 -4.53 10.25
CA PHE D 239 10.79 -3.58 11.09
C PHE D 239 10.02 -3.14 12.28
N TYR D 240 10.72 -3.07 13.40
CA TYR D 240 10.12 -2.73 14.69
C TYR D 240 10.82 -1.53 15.27
N THR D 241 10.06 -0.57 15.82
CA THR D 241 10.66 0.61 16.44
C THR D 241 11.22 0.12 17.76
N HIS D 242 12.51 0.39 17.98
CA HIS D 242 13.26 -0.08 19.16
C HIS D 242 12.91 0.78 20.40
N VAL D 243 12.24 0.18 21.36
CA VAL D 243 11.55 1.03 22.32
C VAL D 243 12.45 1.56 23.40
N PHE D 244 13.27 0.71 23.99
CA PHE D 244 14.18 1.24 24.97
C PHE D 244 14.89 2.49 24.39
N ARG D 245 15.50 2.36 23.20
CA ARG D 245 16.19 3.48 22.54
C ARG D 245 15.40 4.75 22.71
N LEU D 246 14.08 4.64 22.60
CA LEU D 246 13.29 5.83 22.64
C LEU D 246 12.64 6.07 23.98
N LYS D 247 13.23 5.53 25.03
CA LYS D 247 12.66 5.77 26.35
C LYS D 247 12.76 7.24 26.77
N ARG D 248 13.92 7.86 26.58
CA ARG D 248 14.09 9.24 27.06
C ARG D 248 12.98 10.08 26.46
N TRP D 249 12.72 9.91 25.16
CA TRP D 249 11.73 10.75 24.52
C TRP D 249 10.41 10.51 25.16
N ILE D 250 10.16 9.25 25.50
CA ILE D 250 8.93 8.84 26.19
C ILE D 250 8.85 9.62 27.48
N GLN D 251 9.82 9.37 28.35
CA GLN D 251 10.01 10.10 29.59
C GLN D 251 9.65 11.56 29.52
N LYS D 252 10.29 12.24 28.57
CA LYS D 252 10.21 13.68 28.46
C LYS D 252 8.82 14.15 28.07
N VAL D 253 8.14 13.36 27.23
CA VAL D 253 6.81 13.72 26.80
C VAL D 253 5.93 13.71 28.04
N ILE D 254 5.96 12.59 28.77
CA ILE D 254 5.13 12.40 29.95
C ILE D 254 5.35 13.51 30.99
N ASP D 255 6.62 13.72 31.35
CA ASP D 255 7.04 14.89 32.12
C ASP D 255 6.42 16.16 31.55
N GLN D 256 6.81 16.50 30.33
CA GLN D 256 6.40 17.75 29.79
C GLN D 256 4.88 17.93 29.94
N PHE D 257 4.09 16.90 29.58
CA PHE D 257 2.61 17.04 29.42
C PHE D 257 1.79 15.97 30.12
N GLY D 258 2.44 15.22 31.01
CA GLY D 258 1.74 14.24 31.85
C GLY D 258 0.43 14.75 32.44
#